data_9B0L
#
_entry.id   9B0L
#
_cell.length_a   1.00
_cell.length_b   1.00
_cell.length_c   1.00
_cell.angle_alpha   90.00
_cell.angle_beta   90.00
_cell.angle_gamma   90.00
#
_symmetry.space_group_name_H-M   'P 1'
#
loop_
_entity.id
_entity.type
_entity.pdbx_description
1 polymer "DNA (5'-D(P*GP*AP*CP*GP*GP*TP*CP*GP*GP*GP*C)-3')"
2 polymer 'TnpB-like protein L79'
3 polymer "DNA (5'-D(P*CP*CP*CP*A)-3')"
4 polymer "DNA (5'-D(P*AP*GP*GP*AP*GP*GP*TP*GP*GP*CP*TP*GP*CP*CP*CP*CP*GP*AP*CP*CP*GP*TP*C)-3')"
5 polymer 'RNA (117-MER)'
6 non-polymer 'ZINC ION'
7 non-polymer 'MAGNESIUM ION'
#
loop_
_entity_poly.entity_id
_entity_poly.type
_entity_poly.pdbx_seq_one_letter_code
_entity_poly.pdbx_strand_id
1 'polydeoxyribonucleotide' (DG)(DA)(DC)(DG)(DG)(DT)(DC)(DG)(DG)(DG)(DC) B
2 'polypeptide(L)'
;MKEAVKNVKPKVPAKKRIITGSKTKKKVFVKKKPPDKKPLKKPVKKTVKTDKPKSIYVPNKDLKISKWIPTPKKEFTEIE
TNSWYEHRKFENPNKSPVQTYNKIVPVVPPESIKQQNLANKRKKTNRPIVFISSEKIRIYPTKDQQKILQTWFRLFAYMY
NCTIDYINSKKVVLESGRINVAATRKVCNKISVRKAQKTIRDNLIQSTNPSIMTHIIDEAIGLACSNYKTCLTNYIERHI
KKFDIKPWNMSKRKKIIIIEANFFKKGTFCPTVFPKMESSKPLTMIDKTVTLQYDSDTRKYILFVPRVTPKYSVNKEKNS
CGIDPGLRDFLTVYSENETQSICPIEIVVNTTKNEYKKIDKINEIIKTKPNLNSKRKKKLNRGLRKYHRRVTNKMKDMHY
KVSHELVNTFDKICIGKLNVKSILSKANTVLKSALKRKLATLSFYRFTQRLTHMGYKYGTEVVNVNEYLTTKTCSNCGKI
KDLGASKIYECESCGMYADRDENAAKNILKVGLKPWYKQK
;
P
3 'polydeoxyribonucleotide' (DC)(DC)(DC)(DA) D
4 'polydeoxyribonucleotide'
;(DA)(DG)(DG)(DA)(DG)(DG)(DT)(DG)(DG)(DC)(DT)(DG)(DC)(DC)(DC)(DC)(DG)(DA)(DC)(DC)
(DG)(DT)(DC)
;
A
5 'polyribonucleotide'
;AAAAAUAGUCUAAUAAAAUCAGGGGUACAUUCCGCUAGUACUCCACCCUACGGGUUAAGCAAAUGAGAAUAUCGAAACGG
UAUGCACAGGAUUCUUCGAGUGAUAAUCUUAGGAUGACUCACUAAGGAGAUGACUAAAGUGUAUCAUUCAAUAUUGUAUU
GAACGGUAUUCUUCCAUAGAGAGUUGAUUUUUGGAGUAUCCAAAAAUAUCAACUUUUUAUGAGCGGGCAGCCACCUCCUU
GUUAUUG
;
C
#
# COMPACT_ATOMS: atom_id res chain seq x y z
N PRO B 53 5.88 -18.22 23.83
CA PRO B 53 7.14 -17.50 23.64
C PRO B 53 7.54 -16.66 24.86
N LYS B 54 8.26 -17.27 25.79
CA LYS B 54 8.66 -16.60 27.01
C LYS B 54 9.87 -15.69 26.83
N SER B 55 10.60 -15.82 25.72
CA SER B 55 11.77 -14.99 25.48
C SER B 55 12.11 -15.01 24.00
N ILE B 56 12.32 -13.84 23.42
CA ILE B 56 12.70 -13.73 22.02
C ILE B 56 14.20 -13.45 21.88
N TYR B 57 14.99 -13.85 22.87
CA TYR B 57 16.43 -13.58 22.88
C TYR B 57 17.20 -14.79 22.39
N VAL B 58 18.06 -14.57 21.39
CA VAL B 58 19.02 -15.56 20.94
C VAL B 58 20.38 -14.88 20.99
N PRO B 59 21.38 -15.45 21.68
CA PRO B 59 22.66 -14.75 21.79
C PRO B 59 23.22 -14.42 20.41
N ASN B 60 23.82 -13.24 20.30
CA ASN B 60 24.24 -12.74 19.00
C ASN B 60 25.21 -13.70 18.32
N LYS B 61 26.16 -14.25 19.07
CA LYS B 61 27.15 -15.13 18.47
C LYS B 61 26.51 -16.36 17.85
N ASP B 62 25.31 -16.73 18.30
CA ASP B 62 24.56 -17.77 17.60
C ASP B 62 24.17 -17.31 16.20
N LEU B 63 23.92 -16.01 16.03
CA LEU B 63 23.49 -15.45 14.76
C LEU B 63 24.62 -14.80 13.99
N LYS B 64 25.86 -14.90 14.48
CA LYS B 64 27.01 -14.28 13.83
C LYS B 64 26.78 -12.78 13.64
N ILE B 65 26.28 -12.12 14.68
CA ILE B 65 26.06 -10.69 14.68
C ILE B 65 26.99 -10.06 15.71
N SER B 66 27.77 -9.08 15.28
CA SER B 66 28.67 -8.39 16.20
C SER B 66 27.88 -7.77 17.35
N LYS B 67 28.39 -7.93 18.56
CA LYS B 67 27.69 -7.41 19.74
C LYS B 67 27.62 -5.89 19.78
N TRP B 68 28.16 -5.20 18.78
CA TRP B 68 28.18 -3.75 18.82
C TRP B 68 26.78 -3.19 18.96
N ILE B 69 26.62 -2.25 19.89
CA ILE B 69 25.36 -1.54 20.10
C ILE B 69 25.71 -0.15 20.59
N PRO B 70 25.41 0.91 19.83
CA PRO B 70 25.92 2.24 20.19
C PRO B 70 25.28 2.76 21.47
N THR B 71 26.01 3.64 22.14
CA THR B 71 25.46 4.30 23.31
C THR B 71 24.32 5.23 22.90
N PRO B 72 23.36 5.46 23.79
CA PRO B 72 22.25 6.36 23.43
C PRO B 72 22.72 7.74 23.02
N LYS B 73 23.79 8.25 23.62
CA LYS B 73 24.34 9.54 23.24
C LYS B 73 25.40 9.34 22.15
N LYS B 74 25.14 9.90 20.97
CA LYS B 74 26.03 9.77 19.84
C LYS B 74 26.08 11.09 19.08
N GLU B 75 26.95 11.14 18.08
CA GLU B 75 27.01 12.24 17.12
C GLU B 75 26.52 11.68 15.79
N PHE B 76 25.31 12.05 15.40
CA PHE B 76 24.67 11.47 14.22
C PHE B 76 25.03 12.26 12.97
N THR B 77 25.55 11.58 11.97
CA THR B 77 25.83 12.18 10.68
C THR B 77 24.58 12.07 9.81
N GLU B 78 24.08 13.21 9.34
CA GLU B 78 22.85 13.22 8.58
C GLU B 78 23.04 12.58 7.21
N ILE B 79 21.98 11.96 6.72
CA ILE B 79 21.92 11.42 5.37
C ILE B 79 20.99 12.31 4.55
N GLU B 80 21.47 12.78 3.41
CA GLU B 80 20.63 13.58 2.54
C GLU B 80 19.40 12.79 2.15
N THR B 81 18.23 13.42 2.30
CA THR B 81 16.96 12.77 2.01
C THR B 81 16.23 13.36 0.83
N ASN B 82 16.55 14.58 0.43
CA ASN B 82 15.83 15.27 -0.64
C ASN B 82 14.34 15.35 -0.37
N SER B 83 13.96 15.26 0.89
CA SER B 83 12.56 15.23 1.28
C SER B 83 12.41 15.92 2.63
N TRP B 84 11.17 16.08 3.07
CA TRP B 84 10.91 16.74 4.34
C TRP B 84 11.51 15.96 5.50
N TYR B 85 11.41 14.63 5.46
CA TYR B 85 11.82 13.84 6.61
C TYR B 85 13.34 13.90 6.78
N GLU B 86 13.79 13.57 7.99
CA GLU B 86 15.19 13.61 8.35
C GLU B 86 15.70 12.18 8.53
N HIS B 87 16.84 11.88 7.91
CA HIS B 87 17.48 10.58 8.02
C HIS B 87 18.87 10.79 8.60
N ARG B 88 19.21 10.02 9.63
CA ARG B 88 20.49 10.10 10.29
C ARG B 88 21.21 8.77 10.23
N LYS B 89 22.50 8.79 10.54
CA LYS B 89 23.34 7.61 10.46
C LYS B 89 24.39 7.68 11.54
N PHE B 90 24.91 6.51 11.91
CA PHE B 90 26.02 6.43 12.87
C PHE B 90 26.87 5.23 12.48
N GLU B 91 27.92 5.50 11.70
CA GLU B 91 28.77 4.42 11.21
C GLU B 91 29.43 3.69 12.37
N ASN B 92 29.39 2.37 12.32
CA ASN B 92 30.04 1.57 13.34
C ASN B 92 31.53 1.86 13.35
N PRO B 93 32.14 2.14 14.51
CA PRO B 93 33.59 2.39 14.51
C PRO B 93 34.39 1.24 13.91
N ASN B 94 33.99 0.00 14.16
CA ASN B 94 34.65 -1.17 13.59
C ASN B 94 33.65 -1.89 12.72
N LYS B 95 33.96 -2.00 11.43
CA LYS B 95 33.03 -2.55 10.44
C LYS B 95 33.67 -3.75 9.76
N SER B 96 32.86 -4.78 9.52
CA SER B 96 33.32 -5.88 8.70
C SER B 96 33.31 -5.48 7.23
N PRO B 97 34.19 -6.05 6.41
CA PRO B 97 34.18 -5.71 4.99
C PRO B 97 32.83 -6.03 4.35
N VAL B 98 32.42 -5.18 3.42
CA VAL B 98 31.12 -5.34 2.77
C VAL B 98 31.24 -6.35 1.65
N GLN B 99 30.38 -7.36 1.66
CA GLN B 99 30.35 -8.36 0.62
C GLN B 99 29.57 -7.83 -0.59
N THR B 100 29.46 -8.65 -1.62
CA THR B 100 28.67 -8.28 -2.79
C THR B 100 28.53 -9.49 -3.69
N TYR B 101 27.37 -9.60 -4.32
CA TYR B 101 27.08 -10.68 -5.27
C TYR B 101 26.12 -10.18 -6.31
N ASN B 102 26.07 -10.87 -7.44
CA ASN B 102 25.23 -10.47 -8.56
C ASN B 102 23.82 -11.00 -8.37
N LYS B 103 22.83 -10.13 -8.62
CA LYS B 103 21.43 -10.46 -8.46
C LYS B 103 20.66 -10.01 -9.70
N ILE B 104 19.61 -10.74 -10.04
CA ILE B 104 18.74 -10.42 -11.17
C ILE B 104 17.46 -9.82 -10.61
N VAL B 105 17.16 -8.59 -11.00
CA VAL B 105 16.01 -7.86 -10.48
C VAL B 105 15.25 -7.29 -11.66
N PRO B 106 13.95 -7.00 -11.50
CA PRO B 106 13.11 -7.15 -10.29
C PRO B 106 12.77 -8.58 -9.96
N VAL B 107 12.47 -8.86 -8.69
CA VAL B 107 11.99 -10.17 -8.27
C VAL B 107 10.46 -10.14 -8.32
N VAL B 108 9.87 -11.18 -8.88
CA VAL B 108 8.41 -11.24 -9.01
C VAL B 108 7.82 -11.67 -7.68
N PRO B 109 6.81 -10.97 -7.14
CA PRO B 109 6.20 -11.40 -5.89
C PRO B 109 5.62 -12.79 -6.01
N PRO B 110 5.70 -13.61 -4.96
CA PRO B 110 5.10 -14.95 -5.05
C PRO B 110 3.63 -14.92 -5.40
N GLU B 111 2.88 -13.96 -4.83
CA GLU B 111 1.47 -13.83 -5.16
C GLU B 111 1.28 -13.49 -6.63
N SER B 112 2.12 -12.61 -7.17
CA SER B 112 2.06 -12.33 -8.60
C SER B 112 2.42 -13.54 -9.43
N ILE B 113 3.35 -14.37 -8.94
CA ILE B 113 3.67 -15.61 -9.64
C ILE B 113 2.44 -16.51 -9.71
N LYS B 114 1.75 -16.67 -8.58
CA LYS B 114 0.53 -17.48 -8.58
C LYS B 114 -0.51 -16.88 -9.51
N GLN B 115 -0.69 -15.57 -9.47
CA GLN B 115 -1.69 -14.93 -10.31
C GLN B 115 -1.40 -15.14 -11.78
N GLN B 116 -0.14 -14.99 -12.18
CA GLN B 116 0.19 -15.15 -13.60
C GLN B 116 0.13 -16.60 -14.03
N ASN B 117 0.51 -17.53 -13.15
CA ASN B 117 0.35 -18.95 -13.49
C ASN B 117 -1.11 -19.31 -13.68
N LEU B 118 -1.98 -18.82 -12.79
CA LEU B 118 -3.40 -19.10 -12.94
C LEU B 118 -3.97 -18.44 -14.19
N ALA B 119 -3.50 -17.22 -14.50
CA ALA B 119 -3.91 -16.60 -15.76
C ALA B 119 -3.44 -17.41 -16.95
N ASN B 120 -2.31 -18.10 -16.83
CA ASN B 120 -1.86 -18.99 -17.89
C ASN B 120 -2.61 -20.32 -17.89
N LYS B 121 -3.31 -20.65 -16.80
CA LYS B 121 -4.13 -21.86 -16.81
C LYS B 121 -5.20 -21.78 -17.89
N ARG B 122 -5.84 -20.62 -18.04
CA ARG B 122 -6.82 -20.44 -19.11
C ARG B 122 -6.16 -20.27 -20.47
N LYS B 123 -4.85 -20.46 -20.56
CA LYS B 123 -4.13 -20.47 -21.83
C LYS B 123 -4.39 -19.19 -22.62
N LYS B 124 -4.35 -18.05 -21.93
CA LYS B 124 -4.45 -16.78 -22.64
C LYS B 124 -3.31 -16.64 -23.64
N THR B 125 -2.08 -16.85 -23.19
CA THR B 125 -0.90 -16.88 -24.03
C THR B 125 0.27 -17.32 -23.16
N ASN B 126 1.09 -18.24 -23.68
CA ASN B 126 2.21 -18.77 -22.92
C ASN B 126 3.30 -17.71 -22.84
N ARG B 127 3.08 -16.72 -21.96
CA ARG B 127 4.03 -15.64 -21.78
C ARG B 127 4.82 -15.86 -20.48
N PRO B 128 6.09 -15.45 -20.44
CA PRO B 128 6.88 -15.71 -19.24
C PRO B 128 6.37 -14.93 -18.03
N ILE B 129 6.63 -15.48 -16.85
CA ILE B 129 6.30 -14.78 -15.61
C ILE B 129 7.10 -13.50 -15.55
N VAL B 130 6.41 -12.39 -15.23
CA VAL B 130 7.01 -11.06 -15.30
C VAL B 130 6.61 -10.25 -14.07
N PHE B 131 7.38 -9.19 -13.82
CA PHE B 131 7.16 -8.31 -12.68
C PHE B 131 6.35 -7.10 -13.16
N ILE B 132 5.08 -7.06 -12.78
CA ILE B 132 4.18 -5.99 -13.20
C ILE B 132 4.22 -4.88 -12.16
N SER B 133 4.13 -3.63 -12.64
CA SER B 133 4.08 -2.48 -11.75
C SER B 133 3.41 -1.34 -12.51
N SER B 134 2.34 -0.78 -11.94
CA SER B 134 1.53 0.19 -12.65
C SER B 134 2.37 1.42 -13.02
N GLU B 135 1.75 2.27 -13.83
CA GLU B 135 2.39 3.50 -14.28
C GLU B 135 1.28 4.51 -14.55
N LYS B 136 1.48 5.73 -14.07
CA LYS B 136 0.45 6.76 -14.15
C LYS B 136 0.67 7.60 -15.40
N ILE B 137 -0.11 7.32 -16.43
CA ILE B 137 -0.09 8.09 -17.67
C ILE B 137 -1.31 8.99 -17.65
N ARG B 138 -1.07 10.30 -17.60
CA ARG B 138 -2.16 11.27 -17.52
C ARG B 138 -2.73 11.51 -18.90
N ILE B 139 -4.06 11.62 -18.98
CA ILE B 139 -4.75 11.93 -20.21
C ILE B 139 -5.26 13.35 -20.12
N TYR B 140 -5.47 13.98 -21.28
CA TYR B 140 -5.99 15.33 -21.37
C TYR B 140 -7.15 15.33 -22.35
N PRO B 141 -8.24 14.65 -22.01
CA PRO B 141 -9.40 14.62 -22.91
C PRO B 141 -10.02 15.99 -23.08
N THR B 142 -10.58 16.23 -24.26
CA THR B 142 -11.24 17.49 -24.56
C THR B 142 -12.59 17.54 -23.86
N LYS B 143 -13.33 18.63 -24.09
CA LYS B 143 -14.66 18.75 -23.50
C LYS B 143 -15.59 17.66 -24.01
N ASP B 144 -15.60 17.44 -25.32
CA ASP B 144 -16.41 16.37 -25.89
C ASP B 144 -15.95 15.02 -25.39
N GLN B 145 -14.64 14.78 -25.39
CA GLN B 145 -14.13 13.51 -24.89
C GLN B 145 -14.35 13.39 -23.38
N GLN B 146 -14.29 14.51 -22.66
CA GLN B 146 -14.61 14.46 -21.24
C GLN B 146 -16.06 14.04 -21.01
N LYS B 147 -16.99 14.59 -21.81
CA LYS B 147 -18.39 14.20 -21.68
C LYS B 147 -18.58 12.73 -22.03
N ILE B 148 -17.93 12.26 -23.09
CA ILE B 148 -18.05 10.87 -23.46
C ILE B 148 -17.49 9.98 -22.36
N LEU B 149 -16.36 10.36 -21.79
CA LEU B 149 -15.76 9.57 -20.73
C LEU B 149 -16.64 9.55 -19.50
N GLN B 150 -17.28 10.67 -19.17
CA GLN B 150 -18.18 10.70 -18.02
C GLN B 150 -19.39 9.82 -18.26
N THR B 151 -19.95 9.86 -19.48
CA THR B 151 -21.07 8.97 -19.79
C THR B 151 -20.64 7.52 -19.71
N TRP B 152 -19.41 7.21 -20.15
CA TRP B 152 -18.92 5.84 -20.07
C TRP B 152 -18.69 5.42 -18.63
N PHE B 153 -18.23 6.35 -17.78
CA PHE B 153 -18.14 6.06 -16.36
C PHE B 153 -19.50 5.75 -15.77
N ARG B 154 -20.51 6.54 -16.17
CA ARG B 154 -21.86 6.29 -15.68
C ARG B 154 -22.36 4.93 -16.12
N LEU B 155 -22.14 4.57 -17.38
CA LEU B 155 -22.58 3.27 -17.88
C LEU B 155 -21.81 2.13 -17.20
N PHE B 156 -20.52 2.34 -16.96
CA PHE B 156 -19.72 1.35 -16.25
C PHE B 156 -20.26 1.12 -14.85
N ALA B 157 -20.58 2.21 -14.14
CA ALA B 157 -21.14 2.09 -12.81
C ALA B 157 -22.50 1.42 -12.86
N TYR B 158 -23.30 1.74 -13.87
CA TYR B 158 -24.63 1.16 -13.97
C TYR B 158 -24.54 -0.34 -14.21
N MET B 159 -23.62 -0.77 -15.08
CA MET B 159 -23.42 -2.21 -15.28
C MET B 159 -22.86 -2.87 -14.03
N TYR B 160 -21.98 -2.18 -13.31
CA TYR B 160 -21.47 -2.73 -12.06
C TYR B 160 -22.61 -2.97 -11.08
N ASN B 161 -23.49 -1.98 -10.94
CA ASN B 161 -24.63 -2.11 -10.04
C ASN B 161 -25.55 -3.24 -10.50
N CYS B 162 -25.81 -3.33 -11.80
CA CYS B 162 -26.66 -4.40 -12.30
C CYS B 162 -26.04 -5.76 -12.04
N THR B 163 -24.73 -5.88 -12.21
CA THR B 163 -24.06 -7.15 -11.94
C THR B 163 -24.17 -7.51 -10.46
N ILE B 164 -23.98 -6.53 -9.58
CA ILE B 164 -24.12 -6.80 -8.15
C ILE B 164 -25.54 -7.24 -7.82
N ASP B 165 -26.53 -6.54 -8.38
CA ASP B 165 -27.92 -6.91 -8.13
C ASP B 165 -28.22 -8.30 -8.67
N TYR B 166 -27.66 -8.64 -9.84
CA TYR B 166 -27.86 -9.96 -10.41
C TYR B 166 -27.28 -11.03 -9.49
N ILE B 167 -26.06 -10.81 -9.01
CA ILE B 167 -25.41 -11.80 -8.16
C ILE B 167 -26.20 -11.97 -6.86
N ASN B 168 -26.59 -10.87 -6.24
CA ASN B 168 -27.36 -10.95 -5.01
C ASN B 168 -28.69 -11.66 -5.24
N SER B 169 -29.39 -11.32 -6.31
CA SER B 169 -30.64 -11.98 -6.62
C SER B 169 -30.46 -13.48 -6.81
N LYS B 170 -29.31 -13.88 -7.35
CA LYS B 170 -28.99 -15.30 -7.52
C LYS B 170 -28.04 -15.81 -6.46
N LYS B 171 -27.67 -14.98 -5.49
CA LYS B 171 -26.90 -15.48 -4.35
C LYS B 171 -27.72 -16.52 -3.60
N VAL B 172 -27.06 -17.62 -3.24
CA VAL B 172 -27.72 -18.74 -2.55
C VAL B 172 -27.14 -18.82 -1.15
N VAL B 173 -28.03 -18.89 -0.16
CA VAL B 173 -27.65 -18.91 1.25
C VAL B 173 -27.75 -20.34 1.74
N LEU B 174 -26.72 -20.80 2.46
CA LEU B 174 -26.64 -22.18 2.94
C LEU B 174 -27.59 -22.33 4.12
N GLU B 175 -28.82 -22.75 3.82
CA GLU B 175 -29.80 -23.06 4.85
C GLU B 175 -30.12 -21.81 5.68
N SER B 176 -29.14 -21.33 6.44
CA SER B 176 -29.29 -20.15 7.27
C SER B 176 -28.79 -18.93 6.50
N GLY B 177 -28.69 -17.79 7.19
CA GLY B 177 -28.21 -16.57 6.55
C GLY B 177 -26.80 -16.68 6.00
N ARG B 178 -26.04 -17.67 6.46
CA ARG B 178 -24.71 -17.89 5.93
C ARG B 178 -24.77 -18.12 4.43
N ILE B 179 -23.89 -17.44 3.70
CA ILE B 179 -23.85 -17.55 2.25
C ILE B 179 -23.07 -18.81 1.87
N ASN B 180 -23.65 -19.62 0.99
CA ASN B 180 -22.92 -20.76 0.42
C ASN B 180 -21.88 -20.23 -0.55
N VAL B 181 -20.64 -20.07 -0.08
CA VAL B 181 -19.66 -19.31 -0.83
C VAL B 181 -19.33 -19.98 -2.15
N ALA B 182 -19.31 -21.32 -2.16
CA ALA B 182 -18.93 -22.02 -3.39
C ALA B 182 -19.93 -21.75 -4.51
N ALA B 183 -21.22 -21.93 -4.22
CA ALA B 183 -22.24 -21.72 -5.24
C ALA B 183 -22.29 -20.26 -5.68
N THR B 184 -22.15 -19.33 -4.73
CA THR B 184 -22.13 -17.92 -5.12
C THR B 184 -20.93 -17.60 -5.99
N ARG B 185 -19.78 -18.20 -5.68
CA ARG B 185 -18.60 -18.03 -6.54
C ARG B 185 -18.89 -18.52 -7.94
N LYS B 186 -19.50 -19.70 -8.05
CA LYS B 186 -19.83 -20.22 -9.37
C LYS B 186 -20.79 -19.28 -10.09
N VAL B 187 -21.73 -18.68 -9.35
CA VAL B 187 -22.61 -17.67 -9.93
C VAL B 187 -21.82 -16.44 -10.35
N CYS B 188 -20.65 -16.22 -9.76
CA CYS B 188 -19.83 -15.04 -10.03
C CYS B 188 -18.92 -15.23 -11.24
N ASN B 189 -19.13 -16.26 -12.04
CA ASN B 189 -18.33 -16.46 -13.24
C ASN B 189 -18.58 -15.34 -14.23
N LYS B 190 -17.51 -14.74 -14.74
CA LYS B 190 -17.67 -13.61 -15.66
C LYS B 190 -18.37 -14.02 -16.93
N ILE B 191 -18.02 -15.19 -17.48
CA ILE B 191 -18.62 -15.63 -18.73
C ILE B 191 -20.12 -15.85 -18.54
N SER B 192 -20.49 -16.57 -17.48
CA SER B 192 -21.90 -16.89 -17.25
C SER B 192 -22.71 -15.62 -17.04
N VAL B 193 -22.20 -14.70 -16.21
CA VAL B 193 -22.94 -13.49 -15.92
C VAL B 193 -23.04 -12.62 -17.17
N ARG B 194 -21.96 -12.56 -17.95
CA ARG B 194 -21.99 -11.79 -19.18
C ARG B 194 -23.05 -12.33 -20.13
N LYS B 195 -23.11 -13.65 -20.29
CA LYS B 195 -24.13 -14.24 -21.16
C LYS B 195 -25.53 -13.98 -20.62
N ALA B 196 -25.73 -14.14 -19.31
CA ALA B 196 -27.05 -13.97 -18.73
C ALA B 196 -27.55 -12.53 -18.88
N GLN B 197 -26.67 -11.57 -18.67
CA GLN B 197 -27.04 -10.15 -18.69
C GLN B 197 -26.90 -9.54 -20.08
N LYS B 198 -26.96 -10.35 -21.14
CA LYS B 198 -26.77 -9.81 -22.48
C LYS B 198 -27.84 -8.78 -22.80
N THR B 199 -29.10 -9.08 -22.47
CA THR B 199 -30.19 -8.16 -22.82
C THR B 199 -30.02 -6.82 -22.13
N ILE B 200 -29.83 -6.83 -20.81
CA ILE B 200 -29.62 -5.60 -20.07
C ILE B 200 -28.37 -4.89 -20.56
N ARG B 201 -27.30 -5.66 -20.78
CA ARG B 201 -26.05 -5.07 -21.27
C ARG B 201 -26.27 -4.41 -22.63
N ASP B 202 -26.97 -5.09 -23.54
CA ASP B 202 -27.20 -4.53 -24.85
C ASP B 202 -28.06 -3.28 -24.78
N ASN B 203 -29.07 -3.28 -23.90
CA ASN B 203 -29.90 -2.09 -23.73
C ASN B 203 -29.06 -0.93 -23.21
N LEU B 204 -28.17 -1.19 -22.26
CA LEU B 204 -27.29 -0.14 -21.76
C LEU B 204 -26.42 0.40 -22.89
N ILE B 205 -25.82 -0.49 -23.68
CA ILE B 205 -24.92 -0.06 -24.73
C ILE B 205 -25.66 0.76 -25.77
N GLN B 206 -26.84 0.31 -26.18
CA GLN B 206 -27.63 1.00 -27.20
C GLN B 206 -28.51 2.08 -26.58
N SER B 207 -27.89 2.97 -25.80
CA SER B 207 -28.62 4.04 -25.14
C SER B 207 -27.87 5.37 -25.18
N THR B 208 -26.72 5.44 -25.85
CA THR B 208 -25.95 6.67 -25.96
C THR B 208 -25.26 6.66 -27.32
N ASN B 209 -25.37 7.77 -28.05
CA ASN B 209 -24.87 7.79 -29.42
C ASN B 209 -23.39 7.40 -29.50
N PRO B 210 -22.50 7.91 -28.64
CA PRO B 210 -21.13 7.35 -28.62
C PRO B 210 -21.10 6.09 -27.75
N SER B 211 -21.77 5.05 -28.25
CA SER B 211 -22.01 3.86 -27.43
C SER B 211 -20.71 3.28 -26.92
N ILE B 212 -20.70 2.92 -25.64
CA ILE B 212 -19.54 2.29 -25.05
C ILE B 212 -19.24 0.98 -25.78
N MET B 213 -17.98 0.56 -25.73
CA MET B 213 -17.56 -0.66 -26.38
C MET B 213 -17.98 -1.86 -25.56
N THR B 214 -18.53 -2.87 -26.23
CA THR B 214 -19.06 -4.04 -25.53
C THR B 214 -18.03 -4.66 -24.60
N HIS B 215 -16.78 -4.55 -25.02
CA HIS B 215 -15.69 -5.24 -24.32
C HIS B 215 -15.37 -4.47 -23.05
N ILE B 216 -15.64 -3.17 -22.98
CA ILE B 216 -15.48 -2.38 -21.77
C ILE B 216 -16.58 -2.72 -20.77
N ILE B 217 -17.81 -2.86 -21.24
CA ILE B 217 -18.90 -3.24 -20.33
C ILE B 217 -18.68 -4.66 -19.81
N ASP B 218 -18.13 -5.55 -20.65
CA ASP B 218 -17.77 -6.87 -20.16
C ASP B 218 -16.70 -6.78 -19.07
N GLU B 219 -15.76 -5.85 -19.24
CA GLU B 219 -14.78 -5.60 -18.18
C GLU B 219 -15.47 -5.14 -16.90
N ALA B 220 -16.51 -4.31 -17.03
CA ALA B 220 -17.26 -3.89 -15.86
C ALA B 220 -17.90 -5.08 -15.16
N ILE B 221 -18.51 -5.97 -15.94
CA ILE B 221 -19.12 -7.17 -15.36
C ILE B 221 -18.07 -8.01 -14.66
N GLY B 222 -16.91 -8.17 -15.30
CA GLY B 222 -15.84 -8.93 -14.68
C GLY B 222 -15.34 -8.29 -13.40
N LEU B 223 -15.25 -6.97 -13.38
CA LEU B 223 -14.82 -6.26 -12.17
C LEU B 223 -15.83 -6.49 -11.05
N ALA B 224 -17.12 -6.40 -11.36
CA ALA B 224 -18.12 -6.66 -10.33
C ALA B 224 -18.02 -8.08 -9.81
N CYS B 225 -17.83 -9.05 -10.71
CA CYS B 225 -17.68 -10.44 -10.28
C CYS B 225 -16.44 -10.60 -9.41
N SER B 226 -15.34 -9.95 -9.78
CA SER B 226 -14.12 -10.07 -8.99
C SER B 226 -14.27 -9.45 -7.62
N ASN B 227 -14.95 -8.31 -7.54
CA ASN B 227 -15.17 -7.68 -6.23
C ASN B 227 -16.07 -8.56 -5.37
N TYR B 228 -17.11 -9.13 -5.95
CA TYR B 228 -17.95 -10.05 -5.18
C TYR B 228 -17.16 -11.26 -4.73
N LYS B 229 -16.26 -11.76 -5.58
CA LYS B 229 -15.39 -12.87 -5.18
C LYS B 229 -14.48 -12.45 -4.03
N THR B 230 -13.97 -11.23 -4.08
CA THR B 230 -13.15 -10.72 -2.99
C THR B 230 -13.92 -10.74 -1.67
N CYS B 231 -15.13 -10.18 -1.70
CA CYS B 231 -15.94 -10.15 -0.47
C CYS B 231 -16.29 -11.57 -0.02
N LEU B 232 -16.54 -12.48 -0.96
CA LEU B 232 -16.84 -13.85 -0.58
C LEU B 232 -15.64 -14.53 0.06
N THR B 233 -14.45 -14.29 -0.49
CA THR B 233 -13.25 -14.86 0.11
C THR B 233 -13.04 -14.30 1.51
N ASN B 234 -13.29 -13.01 1.70
CA ASN B 234 -13.22 -12.44 3.04
C ASN B 234 -14.24 -13.11 3.96
N TYR B 235 -15.45 -13.36 3.43
CA TYR B 235 -16.51 -13.97 4.23
C TYR B 235 -16.11 -15.36 4.70
N ILE B 236 -15.69 -16.21 3.76
CA ILE B 236 -15.37 -17.60 4.12
C ILE B 236 -14.22 -17.63 5.11
N GLU B 237 -13.25 -16.73 4.95
CA GLU B 237 -12.12 -16.66 5.87
C GLU B 237 -12.48 -15.97 7.17
N ARG B 238 -13.73 -15.52 7.33
CA ARG B 238 -14.20 -14.87 8.55
C ARG B 238 -13.56 -13.51 8.78
N HIS B 239 -12.94 -12.92 7.75
CA HIS B 239 -12.37 -11.60 7.91
C HIS B 239 -13.45 -10.53 7.99
N ILE B 240 -14.66 -10.82 7.53
CA ILE B 240 -15.79 -9.92 7.66
C ILE B 240 -17.03 -10.74 8.01
N LYS B 241 -17.82 -10.24 8.96
CA LYS B 241 -19.02 -10.97 9.36
C LYS B 241 -20.10 -10.87 8.29
N LYS B 242 -20.22 -9.72 7.64
CA LYS B 242 -21.19 -9.51 6.58
C LYS B 242 -20.67 -8.43 5.66
N PHE B 243 -21.16 -8.43 4.43
CA PHE B 243 -20.70 -7.45 3.43
C PHE B 243 -21.89 -7.01 2.58
N ASP B 244 -21.71 -5.86 1.94
CA ASP B 244 -22.74 -5.31 1.05
C ASP B 244 -22.04 -4.41 0.05
N ILE B 245 -22.02 -4.82 -1.21
CA ILE B 245 -21.35 -4.04 -2.25
C ILE B 245 -22.19 -2.81 -2.54
N LYS B 246 -21.80 -1.68 -1.98
CA LYS B 246 -22.59 -0.47 -2.15
C LYS B 246 -22.65 -0.11 -3.63
N PRO B 247 -23.81 0.31 -4.13
CA PRO B 247 -23.89 0.72 -5.54
C PRO B 247 -23.03 1.93 -5.81
N TRP B 248 -22.52 2.03 -7.03
CA TRP B 248 -21.71 3.15 -7.43
C TRP B 248 -22.62 4.30 -7.83
N ASN B 249 -22.57 5.39 -7.05
CA ASN B 249 -23.43 6.53 -7.27
C ASN B 249 -22.75 7.55 -8.17
N MET B 250 -23.47 8.61 -8.52
CA MET B 250 -22.90 9.68 -9.33
C MET B 250 -21.85 10.46 -8.56
N SER B 251 -21.83 10.34 -7.22
CA SER B 251 -20.86 11.02 -6.37
C SER B 251 -19.81 10.06 -5.82
N LYS B 252 -19.41 9.07 -6.64
CA LYS B 252 -18.43 8.10 -6.18
C LYS B 252 -17.09 8.76 -5.85
N ARG B 253 -16.79 9.88 -6.50
CA ARG B 253 -15.60 10.69 -6.31
C ARG B 253 -14.36 10.06 -6.94
N LYS B 254 -14.43 8.82 -7.41
CA LYS B 254 -13.30 8.18 -8.10
C LYS B 254 -13.91 7.20 -9.11
N LYS B 255 -14.09 7.65 -10.34
CA LYS B 255 -14.71 6.85 -11.38
C LYS B 255 -13.63 6.17 -12.21
N ILE B 256 -13.78 4.86 -12.41
CA ILE B 256 -12.79 4.07 -13.13
C ILE B 256 -13.49 3.31 -14.25
N ILE B 257 -12.86 3.29 -15.42
CA ILE B 257 -13.32 2.52 -16.57
C ILE B 257 -12.14 1.69 -17.05
N ILE B 258 -12.33 0.39 -17.14
CA ILE B 258 -11.26 -0.53 -17.51
C ILE B 258 -11.25 -0.69 -19.02
N ILE B 259 -10.08 -0.50 -19.63
CA ILE B 259 -9.92 -0.51 -21.08
C ILE B 259 -9.02 -1.68 -21.44
N GLU B 260 -9.48 -2.49 -22.39
CA GLU B 260 -8.71 -3.68 -22.80
C GLU B 260 -7.46 -3.22 -23.50
N ALA B 261 -6.43 -4.03 -23.46
CA ALA B 261 -5.18 -3.69 -24.13
C ALA B 261 -5.38 -3.57 -25.63
N ASN B 262 -6.17 -4.47 -26.20
CA ASN B 262 -6.35 -4.48 -27.65
C ASN B 262 -6.88 -3.16 -28.17
N PHE B 263 -7.58 -2.40 -27.33
CA PHE B 263 -8.14 -1.13 -27.78
C PHE B 263 -7.09 -0.05 -27.98
N PHE B 264 -5.85 -0.27 -27.52
CA PHE B 264 -4.80 0.75 -27.60
C PHE B 264 -4.10 0.61 -28.94
N LYS B 265 -4.59 1.35 -29.93
CA LYS B 265 -4.06 1.30 -31.29
C LYS B 265 -3.92 2.72 -31.83
N LYS B 266 -2.98 2.87 -32.75
CA LYS B 266 -2.74 4.13 -33.46
C LYS B 266 -2.72 5.32 -32.50
N GLY B 267 -1.97 5.17 -31.41
CA GLY B 267 -1.78 6.26 -30.48
C GLY B 267 -3.04 6.74 -29.81
N THR B 268 -3.89 5.82 -29.37
CA THR B 268 -5.11 6.15 -28.65
C THR B 268 -5.74 4.84 -28.20
N PHE B 269 -6.85 4.94 -27.48
CA PHE B 269 -7.64 3.80 -27.06
C PHE B 269 -9.04 3.91 -27.63
N CYS B 270 -9.55 2.80 -28.15
CA CYS B 270 -10.86 2.82 -28.78
C CYS B 270 -10.86 3.84 -29.90
N PRO B 271 -10.02 3.65 -30.93
CA PRO B 271 -9.92 4.67 -31.98
C PRO B 271 -11.22 4.91 -32.73
N THR B 272 -12.15 3.96 -32.69
CA THR B 272 -13.42 4.15 -33.38
C THR B 272 -14.13 5.41 -32.89
N VAL B 273 -14.02 5.71 -31.59
CA VAL B 273 -14.64 6.88 -31.03
C VAL B 273 -13.62 7.90 -30.53
N PHE B 274 -12.42 7.47 -30.15
CA PHE B 274 -11.35 8.38 -29.77
C PHE B 274 -10.25 8.34 -30.82
N PRO B 275 -10.44 8.98 -31.97
CA PRO B 275 -9.41 8.91 -33.01
C PRO B 275 -8.06 9.43 -32.56
N LYS B 276 -8.04 10.45 -31.72
CA LYS B 276 -6.79 11.03 -31.23
C LYS B 276 -6.94 11.36 -29.75
N MET B 277 -5.89 11.10 -28.99
CA MET B 277 -5.92 11.31 -27.55
C MET B 277 -4.57 11.86 -27.10
N GLU B 278 -4.62 12.84 -26.19
CA GLU B 278 -3.40 13.42 -25.64
C GLU B 278 -3.02 12.68 -24.36
N SER B 279 -1.72 12.41 -24.21
CA SER B 279 -1.23 11.68 -23.06
C SER B 279 0.21 12.06 -22.81
N SER B 280 0.66 11.84 -21.57
CA SER B 280 2.03 12.18 -21.21
C SER B 280 3.03 11.39 -22.03
N LYS B 281 2.78 10.09 -22.22
CA LYS B 281 3.63 9.22 -23.00
C LYS B 281 2.84 8.65 -24.17
N PRO B 282 3.53 8.18 -25.21
CA PRO B 282 2.82 7.50 -26.30
C PRO B 282 2.09 6.27 -25.77
N LEU B 283 0.88 6.05 -26.30
CA LEU B 283 0.05 4.91 -25.93
C LEU B 283 0.22 3.75 -26.90
N THR B 284 1.38 3.65 -27.54
CA THR B 284 1.61 2.69 -28.62
C THR B 284 2.28 1.40 -28.14
N MET B 285 2.66 1.31 -26.87
CA MET B 285 3.35 0.14 -26.36
C MET B 285 2.62 -0.54 -25.21
N ILE B 286 1.35 -0.20 -24.99
CA ILE B 286 0.59 -0.84 -23.92
C ILE B 286 0.28 -2.26 -24.34
N ASP B 287 0.50 -3.21 -23.41
CA ASP B 287 0.29 -4.62 -23.68
C ASP B 287 -0.55 -5.30 -22.60
N LYS B 288 -1.08 -4.54 -21.64
CA LYS B 288 -1.86 -5.10 -20.56
C LYS B 288 -3.11 -4.26 -20.34
N THR B 289 -4.16 -4.89 -19.82
CA THR B 289 -5.42 -4.19 -19.63
C THR B 289 -5.21 -2.98 -18.73
N VAL B 290 -5.80 -1.86 -19.14
CA VAL B 290 -5.57 -0.58 -18.49
C VAL B 290 -6.84 -0.15 -17.78
N THR B 291 -6.68 0.70 -16.77
CA THR B 291 -7.80 1.28 -16.04
C THR B 291 -7.68 2.79 -16.07
N LEU B 292 -8.71 3.46 -16.56
CA LEU B 292 -8.74 4.92 -16.67
C LEU B 292 -9.57 5.47 -15.53
N GLN B 293 -8.95 6.27 -14.67
CA GLN B 293 -9.58 6.79 -13.48
C GLN B 293 -9.72 8.30 -13.58
N TYR B 294 -10.88 8.80 -13.15
CA TYR B 294 -11.11 10.24 -13.00
C TYR B 294 -11.32 10.54 -11.53
N ASP B 295 -10.50 11.44 -10.99
CA ASP B 295 -10.60 11.84 -9.60
C ASP B 295 -11.26 13.21 -9.55
N SER B 296 -12.49 13.25 -9.03
CA SER B 296 -13.21 14.53 -8.96
C SER B 296 -12.48 15.51 -8.07
N ASP B 297 -11.89 15.03 -6.98
CA ASP B 297 -11.14 15.92 -6.07
C ASP B 297 -10.00 16.59 -6.80
N THR B 298 -9.23 15.82 -7.57
CA THR B 298 -8.06 16.35 -8.28
C THR B 298 -8.39 16.76 -9.70
N ARG B 299 -9.47 16.25 -10.28
CA ARG B 299 -9.85 16.56 -11.66
C ARG B 299 -8.76 16.15 -12.63
N LYS B 300 -8.31 14.89 -12.49
CA LYS B 300 -7.23 14.35 -13.31
C LYS B 300 -7.69 13.01 -13.90
N TYR B 301 -7.61 12.90 -15.22
CA TYR B 301 -7.80 11.62 -15.90
C TYR B 301 -6.45 10.95 -16.02
N ILE B 302 -6.33 9.73 -15.48
CA ILE B 302 -5.05 9.04 -15.40
C ILE B 302 -5.24 7.59 -15.80
N LEU B 303 -4.28 7.06 -16.54
CA LEU B 303 -4.23 5.65 -16.90
C LEU B 303 -3.20 4.96 -16.03
N PHE B 304 -3.63 3.93 -15.31
CA PHE B 304 -2.74 3.13 -14.48
C PHE B 304 -2.33 1.90 -15.28
N VAL B 305 -1.42 2.12 -16.23
CA VAL B 305 -0.99 1.07 -17.15
C VAL B 305 -0.04 0.14 -16.40
N PRO B 306 -0.37 -1.15 -16.24
CA PRO B 306 0.62 -2.08 -15.69
C PRO B 306 1.72 -2.38 -16.70
N ARG B 307 2.89 -1.81 -16.49
CA ARG B 307 4.01 -1.96 -17.42
C ARG B 307 4.92 -3.10 -16.99
N VAL B 308 5.60 -3.67 -17.95
CA VAL B 308 6.57 -4.73 -17.70
C VAL B 308 7.93 -4.10 -17.40
N THR B 309 8.60 -4.63 -16.39
CA THR B 309 9.95 -4.19 -16.03
C THR B 309 10.94 -5.28 -16.42
N PRO B 310 11.74 -5.11 -17.48
CA PRO B 310 12.66 -6.17 -17.88
C PRO B 310 13.68 -6.45 -16.78
N LYS B 311 14.02 -7.73 -16.63
CA LYS B 311 14.94 -8.14 -15.59
C LYS B 311 16.38 -7.94 -16.05
N TYR B 312 17.16 -7.23 -15.25
CA TYR B 312 18.57 -7.03 -15.49
C TYR B 312 19.36 -7.51 -14.27
N SER B 313 20.67 -7.32 -14.32
CA SER B 313 21.58 -7.78 -13.28
C SER B 313 22.19 -6.59 -12.57
N VAL B 314 22.34 -6.70 -11.24
CA VAL B 314 22.93 -5.67 -10.42
C VAL B 314 23.76 -6.33 -9.33
N ASN B 315 24.57 -5.51 -8.65
CA ASN B 315 25.39 -5.96 -7.54
C ASN B 315 24.71 -5.53 -6.23
N LYS B 316 24.40 -6.50 -5.38
CA LYS B 316 23.76 -6.25 -4.10
C LYS B 316 24.72 -6.60 -2.98
N GLU B 317 24.66 -5.83 -1.89
CA GLU B 317 25.52 -6.03 -0.75
C GLU B 317 24.81 -6.88 0.30
N LYS B 318 25.51 -7.86 0.84
CA LYS B 318 24.97 -8.70 1.91
C LYS B 318 24.97 -7.88 3.20
N ASN B 319 23.83 -7.26 3.50
CA ASN B 319 23.70 -6.38 4.68
C ASN B 319 22.33 -6.65 5.28
N SER B 320 22.28 -7.58 6.24
CA SER B 320 21.04 -7.84 6.94
C SER B 320 20.72 -6.68 7.88
N CYS B 321 19.45 -6.29 7.93
CA CYS B 321 19.01 -5.12 8.67
C CYS B 321 17.89 -5.49 9.63
N GLY B 322 17.52 -4.52 10.45
CA GLY B 322 16.39 -4.65 11.35
C GLY B 322 15.78 -3.30 11.66
N ILE B 323 14.46 -3.20 11.65
CA ILE B 323 13.76 -1.93 11.81
C ILE B 323 12.72 -2.07 12.92
N ASP B 324 12.70 -1.11 13.82
CA ASP B 324 11.71 -1.05 14.91
C ASP B 324 10.89 0.21 14.75
N PRO B 325 9.70 0.14 14.19
CA PRO B 325 8.89 1.35 13.96
C PRO B 325 8.26 1.82 15.27
N GLY B 326 7.51 2.90 15.16
CA GLY B 326 6.81 3.47 16.29
C GLY B 326 6.82 4.98 16.22
N LEU B 327 6.60 5.60 17.35
CA LEU B 327 6.63 7.05 17.48
C LEU B 327 7.90 7.48 18.20
N ARG B 328 8.20 8.78 18.09
CA ARG B 328 9.44 9.39 18.57
C ARG B 328 10.61 8.99 17.69
N ASP B 329 10.39 8.02 16.81
CA ASP B 329 11.31 7.72 15.71
C ASP B 329 10.53 6.80 14.77
N PHE B 330 10.26 7.27 13.56
CA PHE B 330 9.40 6.49 12.68
C PHE B 330 10.01 5.13 12.39
N LEU B 331 11.32 5.07 12.18
CA LEU B 331 12.01 3.82 11.94
C LEU B 331 13.42 3.94 12.48
N THR B 332 13.75 3.13 13.48
CA THR B 332 15.10 3.08 14.02
C THR B 332 15.80 1.88 13.39
N VAL B 333 16.66 2.16 12.42
CA VAL B 333 17.36 1.11 11.68
C VAL B 333 18.63 0.74 12.43
N TYR B 334 18.84 -0.54 12.65
CA TYR B 334 20.09 -1.06 13.20
C TYR B 334 20.67 -2.08 12.24
N SER B 335 21.92 -1.88 11.85
CA SER B 335 22.63 -2.80 10.99
C SER B 335 24.00 -3.08 11.59
N GLU B 336 24.50 -4.30 11.35
CA GLU B 336 25.73 -4.72 12.02
C GLU B 336 26.86 -3.75 11.78
N ASN B 337 26.87 -3.07 10.63
CA ASN B 337 27.92 -2.12 10.30
C ASN B 337 27.44 -0.69 10.26
N GLU B 338 26.22 -0.41 10.74
CA GLU B 338 25.68 0.93 10.64
C GLU B 338 24.37 1.01 11.42
N THR B 339 24.08 2.20 11.92
CA THR B 339 22.83 2.48 12.61
C THR B 339 22.25 3.77 12.07
N GLN B 340 20.93 3.77 11.84
CA GLN B 340 20.26 4.94 11.28
C GLN B 340 18.96 5.19 12.01
N SER B 341 18.60 6.46 12.15
CA SER B 341 17.34 6.88 12.74
C SER B 341 16.59 7.72 11.72
N ILE B 342 15.32 7.40 11.51
CA ILE B 342 14.55 7.94 10.40
C ILE B 342 13.36 8.71 10.94
N CYS B 343 13.21 9.96 10.49
CA CYS B 343 12.00 10.75 10.67
C CYS B 343 11.56 10.83 12.13
N PRO B 344 12.26 11.60 12.96
CA PRO B 344 11.74 11.87 14.31
C PRO B 344 10.46 12.68 14.24
N ILE B 345 9.60 12.50 15.25
CA ILE B 345 8.25 13.07 15.17
C ILE B 345 8.21 14.57 15.28
N GLU B 346 9.29 15.22 15.72
CA GLU B 346 9.27 16.68 15.78
C GLU B 346 9.12 17.27 14.39
N ILE B 347 9.92 16.78 13.43
CA ILE B 347 9.77 17.24 12.05
C ILE B 347 8.44 16.80 11.48
N VAL B 348 7.93 15.64 11.92
CA VAL B 348 6.61 15.21 11.48
C VAL B 348 5.57 16.24 11.86
N VAL B 349 5.61 16.71 13.12
CA VAL B 349 4.69 17.74 13.56
C VAL B 349 4.91 19.01 12.75
N ASN B 350 6.17 19.42 12.58
CA ASN B 350 6.46 20.66 11.88
C ASN B 350 5.89 20.64 10.48
N THR B 351 6.01 19.52 9.78
CA THR B 351 5.48 19.42 8.43
C THR B 351 3.97 19.33 8.42
N THR B 352 3.39 18.55 9.34
CA THR B 352 1.96 18.38 9.43
C THR B 352 1.29 19.39 10.35
N LYS B 353 2.06 20.28 10.98
CA LYS B 353 1.46 21.30 11.83
C LYS B 353 0.40 22.09 11.07
N ASN B 354 0.74 22.54 9.86
CA ASN B 354 -0.21 23.33 9.09
C ASN B 354 -1.42 22.50 8.67
N GLU B 355 -1.18 21.30 8.15
CA GLU B 355 -2.28 20.49 7.64
C GLU B 355 -3.24 20.12 8.76
N TYR B 356 -2.72 19.68 9.91
CA TYR B 356 -3.59 19.36 11.02
C TYR B 356 -4.34 20.59 11.51
N LYS B 357 -3.65 21.74 11.58
CA LYS B 357 -4.31 22.96 12.00
C LYS B 357 -5.49 23.28 11.11
N LYS B 358 -5.30 23.22 9.79
CA LYS B 358 -6.38 23.55 8.88
C LYS B 358 -7.50 22.52 8.95
N ILE B 359 -7.15 21.23 9.09
CA ILE B 359 -8.17 20.19 9.18
C ILE B 359 -9.04 20.42 10.41
N ASP B 360 -8.40 20.67 11.56
CA ASP B 360 -9.15 20.89 12.78
C ASP B 360 -10.02 22.13 12.67
N LYS B 361 -9.49 23.20 12.10
CA LYS B 361 -10.28 24.42 12.01
C LYS B 361 -11.47 24.24 11.08
N ILE B 362 -11.29 23.51 9.98
CA ILE B 362 -12.40 23.27 9.07
C ILE B 362 -13.45 22.42 9.74
N ASN B 363 -13.05 21.39 10.48
CA ASN B 363 -14.01 20.56 11.19
C ASN B 363 -14.79 21.39 12.21
N GLU B 364 -14.09 22.24 12.97
CA GLU B 364 -14.75 23.08 13.94
C GLU B 364 -15.71 24.05 13.26
N ILE B 365 -15.33 24.60 12.11
CA ILE B 365 -16.22 25.49 11.38
C ILE B 365 -17.46 24.75 10.93
N ILE B 366 -17.30 23.54 10.40
CA ILE B 366 -18.45 22.77 9.93
C ILE B 366 -19.41 22.51 11.09
N LYS B 367 -18.88 22.08 12.22
CA LYS B 367 -19.74 21.70 13.34
C LYS B 367 -20.36 22.92 14.00
N THR B 368 -19.52 23.80 14.55
CA THR B 368 -19.99 24.91 15.36
C THR B 368 -20.77 25.94 14.56
N LYS B 369 -20.74 25.87 13.23
CA LYS B 369 -21.47 26.81 12.38
C LYS B 369 -22.36 26.02 11.43
N PRO B 370 -23.46 25.46 11.95
CA PRO B 370 -24.34 24.63 11.12
C PRO B 370 -25.17 25.45 10.14
N ASN B 371 -26.11 24.79 9.48
CA ASN B 371 -27.05 25.44 8.55
C ASN B 371 -26.32 26.30 7.52
N LEU B 372 -25.21 25.76 7.01
CA LEU B 372 -24.47 26.40 5.94
C LEU B 372 -25.01 25.96 4.59
N ASN B 373 -25.03 26.90 3.64
CA ASN B 373 -25.42 26.55 2.29
C ASN B 373 -24.51 25.44 1.75
N SER B 374 -25.10 24.51 1.01
CA SER B 374 -24.34 23.36 0.53
C SER B 374 -23.09 23.79 -0.22
N LYS B 375 -23.16 24.90 -0.95
CA LYS B 375 -21.98 25.40 -1.65
C LYS B 375 -20.82 25.60 -0.68
N ARG B 376 -21.06 26.30 0.42
CA ARG B 376 -20.02 26.49 1.42
C ARG B 376 -19.59 25.16 2.02
N LYS B 377 -20.55 24.28 2.32
CA LYS B 377 -20.21 22.97 2.87
C LYS B 377 -19.36 22.19 1.88
N LYS B 378 -19.72 22.21 0.61
CA LYS B 378 -18.95 21.49 -0.39
C LYS B 378 -17.54 22.05 -0.51
N LYS B 379 -17.40 23.39 -0.49
CA LYS B 379 -16.08 23.98 -0.55
C LYS B 379 -15.22 23.58 0.65
N LEU B 380 -15.82 23.59 1.85
CA LEU B 380 -15.09 23.19 3.04
C LEU B 380 -14.67 21.73 2.94
N ASN B 381 -15.57 20.86 2.45
CA ASN B 381 -15.21 19.47 2.29
C ASN B 381 -14.09 19.29 1.28
N ARG B 382 -14.13 20.06 0.19
CA ARG B 382 -13.06 19.99 -0.79
C ARG B 382 -11.72 20.38 -0.19
N GLY B 383 -11.70 21.46 0.60
CA GLY B 383 -10.47 21.85 1.26
C GLY B 383 -9.97 20.80 2.24
N LEU B 384 -10.90 20.22 3.01
CA LEU B 384 -10.53 19.17 3.95
C LEU B 384 -9.88 18.00 3.22
N ARG B 385 -10.50 17.57 2.12
CA ARG B 385 -9.92 16.49 1.34
C ARG B 385 -8.57 16.88 0.76
N LYS B 386 -8.43 18.14 0.33
CA LYS B 386 -7.16 18.59 -0.24
C LYS B 386 -6.05 18.47 0.79
N TYR B 387 -6.29 18.91 2.03
CA TYR B 387 -5.23 18.93 3.09
C TYR B 387 -4.99 17.54 3.59
N HIS B 388 -5.99 16.66 3.62
CA HIS B 388 -5.75 15.25 3.93
C HIS B 388 -4.92 14.59 2.84
N ARG B 389 -5.19 14.94 1.57
CA ARG B 389 -4.42 14.39 0.47
C ARG B 389 -2.99 14.88 0.50
N ARG B 390 -2.77 16.13 0.89
CA ARG B 390 -1.41 16.63 1.04
C ARG B 390 -0.65 15.83 2.08
N VAL B 391 -1.28 15.58 3.22
CA VAL B 391 -0.63 14.78 4.26
C VAL B 391 -0.33 13.38 3.72
N THR B 392 -1.30 12.78 3.04
CA THR B 392 -1.10 11.42 2.52
C THR B 392 0.03 11.39 1.50
N ASN B 393 0.12 12.40 0.64
CA ASN B 393 1.18 12.44 -0.35
C ASN B 393 2.54 12.60 0.30
N LYS B 394 2.63 13.48 1.30
CA LYS B 394 3.89 13.59 2.04
C LYS B 394 4.28 12.24 2.61
N MET B 395 3.32 11.54 3.23
CA MET B 395 3.64 10.28 3.86
C MET B 395 4.05 9.24 2.82
N LYS B 396 3.37 9.21 1.68
CA LYS B 396 3.71 8.25 0.63
C LYS B 396 5.10 8.52 0.10
N ASP B 397 5.43 9.79 -0.14
CA ASP B 397 6.74 10.11 -0.68
C ASP B 397 7.84 9.73 0.32
N MET B 398 7.63 10.01 1.60
CA MET B 398 8.61 9.59 2.59
C MET B 398 8.75 8.08 2.59
N HIS B 399 7.62 7.36 2.52
CA HIS B 399 7.68 5.91 2.50
C HIS B 399 8.54 5.43 1.34
N TYR B 400 8.29 5.96 0.14
CA TYR B 400 8.97 5.45 -1.04
C TYR B 400 10.45 5.78 -1.00
N LYS B 401 10.80 7.00 -0.60
CA LYS B 401 12.21 7.37 -0.53
C LYS B 401 12.94 6.55 0.53
N VAL B 402 12.31 6.34 1.69
CA VAL B 402 12.94 5.55 2.74
C VAL B 402 13.12 4.11 2.28
N SER B 403 12.11 3.56 1.59
CA SER B 403 12.24 2.20 1.08
C SER B 403 13.36 2.12 0.06
N HIS B 404 13.47 3.11 -0.82
CA HIS B 404 14.58 3.14 -1.77
C HIS B 404 15.91 3.11 -1.04
N GLU B 405 16.08 3.99 -0.05
CA GLU B 405 17.34 4.05 0.68
C GLU B 405 17.65 2.71 1.33
N LEU B 406 16.65 2.11 1.99
CA LEU B 406 16.91 0.88 2.75
C LEU B 406 17.21 -0.28 1.83
N VAL B 407 16.43 -0.46 0.76
CA VAL B 407 16.65 -1.58 -0.14
C VAL B 407 17.97 -1.43 -0.88
N ASN B 408 18.33 -0.20 -1.25
CA ASN B 408 19.62 0.00 -1.90
C ASN B 408 20.78 -0.17 -0.93
N THR B 409 20.55 0.06 0.36
CA THR B 409 21.60 -0.13 1.35
C THR B 409 21.63 -1.54 1.93
N PHE B 410 20.48 -2.22 1.97
CA PHE B 410 20.39 -3.55 2.56
C PHE B 410 19.69 -4.49 1.59
N ASP B 411 20.11 -5.76 1.61
CA ASP B 411 19.49 -6.78 0.78
C ASP B 411 18.47 -7.62 1.53
N LYS B 412 18.38 -7.48 2.85
CA LYS B 412 17.39 -8.22 3.63
C LYS B 412 16.94 -7.33 4.79
N ILE B 413 15.67 -6.93 4.77
CA ILE B 413 15.11 -6.05 5.78
C ILE B 413 14.15 -6.86 6.64
N CYS B 414 14.38 -6.88 7.94
CA CYS B 414 13.49 -7.51 8.90
C CYS B 414 12.78 -6.40 9.65
N ILE B 415 11.62 -6.02 9.16
CA ILE B 415 10.85 -4.91 9.72
C ILE B 415 9.85 -5.44 10.73
N GLY B 416 9.65 -4.68 11.80
CA GLY B 416 8.67 -5.07 12.79
C GLY B 416 7.26 -4.96 12.26
N LYS B 417 6.36 -5.76 12.85
CA LYS B 417 4.95 -5.80 12.45
C LYS B 417 4.16 -5.02 13.50
N LEU B 418 4.04 -3.71 13.28
CA LEU B 418 3.32 -2.84 14.20
C LEU B 418 1.84 -2.90 13.87
N ASN B 419 1.06 -3.55 14.73
CA ASN B 419 -0.38 -3.64 14.52
C ASN B 419 -1.03 -2.31 14.83
N VAL B 420 -1.11 -1.44 13.82
CA VAL B 420 -1.60 -0.07 14.06
C VAL B 420 -3.01 -0.09 14.62
N LYS B 421 -3.82 -1.09 14.25
CA LYS B 421 -5.17 -1.16 14.78
C LYS B 421 -5.15 -1.32 16.28
N SER B 422 -4.30 -2.21 16.79
CA SER B 422 -4.21 -2.39 18.24
C SER B 422 -3.73 -1.12 18.93
N ILE B 423 -2.74 -0.44 18.34
CA ILE B 423 -2.20 0.76 18.97
C ILE B 423 -3.22 1.88 18.93
N LEU B 424 -3.90 2.05 17.80
CA LEU B 424 -4.86 3.16 17.67
C LEU B 424 -6.15 2.90 18.44
N SER B 425 -6.42 1.65 18.81
CA SER B 425 -7.68 1.33 19.46
C SER B 425 -7.89 2.18 20.69
N LYS B 426 -9.13 2.65 20.87
CA LYS B 426 -9.47 3.43 22.07
C LYS B 426 -9.41 2.59 23.34
N ALA B 427 -9.31 1.27 23.22
CA ALA B 427 -9.23 0.43 24.40
C ALA B 427 -8.08 0.84 25.30
N ASN B 428 -6.93 1.13 24.72
CA ASN B 428 -5.76 1.56 25.48
C ASN B 428 -5.55 3.05 25.28
N THR B 429 -5.40 3.78 26.38
CA THR B 429 -5.13 5.22 26.35
C THR B 429 -3.67 5.55 26.58
N VAL B 430 -2.80 4.53 26.60
CA VAL B 430 -1.38 4.75 26.81
C VAL B 430 -0.80 5.74 25.79
N LEU B 431 -1.43 5.87 24.63
CA LEU B 431 -1.09 6.89 23.65
C LEU B 431 -2.26 7.84 23.52
N LYS B 432 -2.01 9.13 23.73
CA LYS B 432 -3.10 10.10 23.76
C LYS B 432 -3.71 10.26 22.37
N SER B 433 -4.93 10.79 22.34
CA SER B 433 -5.62 10.99 21.07
C SER B 433 -4.86 11.96 20.17
N ALA B 434 -4.12 12.90 20.75
CA ALA B 434 -3.34 13.82 19.93
C ALA B 434 -2.29 13.07 19.12
N LEU B 435 -1.58 12.15 19.76
CA LEU B 435 -0.56 11.36 19.06
C LEU B 435 -1.17 10.29 18.18
N LYS B 436 -2.35 9.78 18.55
CA LYS B 436 -2.99 8.75 17.73
C LYS B 436 -3.20 9.23 16.31
N ARG B 437 -3.50 10.52 16.12
CA ARG B 437 -3.60 11.05 14.77
C ARG B 437 -2.27 10.93 14.04
N LYS B 438 -1.18 11.33 14.69
CA LYS B 438 0.12 11.27 14.03
C LYS B 438 0.47 9.83 13.64
N LEU B 439 0.21 8.88 14.54
CA LEU B 439 0.44 7.48 14.19
C LEU B 439 -0.44 7.06 13.04
N ALA B 440 -1.68 7.53 13.01
CA ALA B 440 -2.60 7.16 11.93
C ALA B 440 -2.14 7.73 10.60
N THR B 441 -1.85 9.03 10.55
CA THR B 441 -1.40 9.62 9.30
C THR B 441 -0.04 9.10 8.85
N LEU B 442 0.81 8.69 9.79
CA LEU B 442 2.08 8.10 9.41
C LEU B 442 1.89 6.90 8.50
N SER B 443 0.74 6.22 8.59
CA SER B 443 0.36 5.17 7.67
C SER B 443 1.45 4.10 7.60
N PHE B 444 1.72 3.48 8.75
CA PHE B 444 2.81 2.50 8.79
C PHE B 444 2.49 1.29 7.92
N TYR B 445 1.25 0.81 7.94
CA TYR B 445 0.93 -0.38 7.17
C TYR B 445 1.11 -0.14 5.67
N ARG B 446 0.66 1.01 5.19
CA ARG B 446 0.91 1.35 3.80
C ARG B 446 2.40 1.45 3.52
N PHE B 447 3.17 1.92 4.51
CA PHE B 447 4.63 1.93 4.35
C PHE B 447 5.16 0.52 4.21
N THR B 448 4.65 -0.43 5.00
CA THR B 448 5.11 -1.81 4.87
C THR B 448 4.79 -2.35 3.50
N GLN B 449 3.59 -2.05 2.99
CA GLN B 449 3.23 -2.48 1.65
C GLN B 449 4.21 -1.93 0.62
N ARG B 450 4.43 -0.61 0.65
CA ARG B 450 5.31 0.02 -0.33
C ARG B 450 6.74 -0.46 -0.20
N LEU B 451 7.21 -0.66 1.03
CA LEU B 451 8.56 -1.16 1.26
C LEU B 451 8.71 -2.58 0.73
N THR B 452 7.72 -3.44 0.96
CA THR B 452 7.79 -4.79 0.41
C THR B 452 7.83 -4.75 -1.12
N HIS B 453 6.99 -3.91 -1.72
CA HIS B 453 7.00 -3.80 -3.17
C HIS B 453 8.36 -3.31 -3.67
N MET B 454 8.95 -2.32 -3.00
CA MET B 454 10.26 -1.83 -3.41
C MET B 454 11.32 -2.91 -3.26
N GLY B 455 11.30 -3.63 -2.14
CA GLY B 455 12.27 -4.69 -1.94
C GLY B 455 12.19 -5.73 -3.04
N TYR B 456 10.97 -6.05 -3.47
CA TYR B 456 10.82 -6.90 -4.65
C TYR B 456 11.42 -6.22 -5.88
N LYS B 457 11.17 -4.92 -6.03
CA LYS B 457 11.67 -4.19 -7.19
C LYS B 457 13.18 -4.07 -7.22
N TYR B 458 13.86 -4.31 -6.09
CA TYR B 458 15.30 -4.17 -6.02
C TYR B 458 15.95 -5.40 -5.39
N GLY B 459 15.25 -6.52 -5.33
CA GLY B 459 15.83 -7.74 -4.81
C GLY B 459 16.22 -7.66 -3.35
N THR B 460 15.39 -7.01 -2.53
CA THR B 460 15.59 -6.97 -1.08
C THR B 460 14.44 -7.72 -0.41
N GLU B 461 14.78 -8.70 0.42
CA GLU B 461 13.78 -9.56 1.05
C GLU B 461 13.25 -8.86 2.29
N VAL B 462 12.09 -8.22 2.17
CA VAL B 462 11.48 -7.52 3.29
C VAL B 462 10.72 -8.51 4.16
N VAL B 463 11.38 -9.06 5.16
CA VAL B 463 10.75 -9.99 6.09
C VAL B 463 9.91 -9.19 7.08
N ASN B 464 8.78 -9.76 7.47
CA ASN B 464 7.88 -9.13 8.44
C ASN B 464 8.00 -9.87 9.77
N VAL B 465 8.24 -9.12 10.84
CA VAL B 465 8.45 -9.66 12.17
C VAL B 465 7.50 -8.98 13.14
N ASN B 466 6.96 -9.76 14.07
CA ASN B 466 6.11 -9.21 15.11
C ASN B 466 6.97 -8.79 16.30
N GLU B 467 6.83 -7.50 16.67
CA GLU B 467 7.61 -6.93 17.79
C GLU B 467 6.92 -7.31 19.11
N TYR B 468 7.30 -8.45 19.70
CA TYR B 468 6.75 -8.91 20.97
C TYR B 468 7.91 -9.17 21.92
N LEU B 469 8.02 -8.36 22.97
CA LEU B 469 9.13 -8.35 23.91
C LEU B 469 10.40 -7.78 23.31
N THR B 470 10.33 -7.19 22.11
CA THR B 470 11.51 -6.59 21.51
C THR B 470 12.04 -5.45 22.37
N THR B 471 11.15 -4.53 22.76
CA THR B 471 11.59 -3.41 23.57
C THR B 471 12.08 -3.86 24.93
N LYS B 472 11.39 -4.83 25.54
CA LYS B 472 11.77 -5.27 26.88
C LYS B 472 13.03 -6.12 26.86
N THR B 473 13.15 -7.04 25.89
CA THR B 473 14.24 -7.99 25.90
C THR B 473 15.57 -7.29 25.67
N CYS B 474 16.57 -7.68 26.45
CA CYS B 474 17.92 -7.18 26.27
C CYS B 474 18.58 -7.91 25.10
N SER B 475 19.19 -7.12 24.20
CA SER B 475 19.80 -7.71 23.02
C SER B 475 21.05 -8.52 23.37
N ASN B 476 21.74 -8.16 24.45
CA ASN B 476 23.01 -8.81 24.78
C ASN B 476 22.81 -10.01 25.71
N CYS B 477 22.25 -9.78 26.90
CA CYS B 477 22.16 -10.81 27.92
C CYS B 477 20.83 -11.52 27.97
N GLY B 478 19.75 -10.85 27.57
CA GLY B 478 18.44 -11.47 27.55
C GLY B 478 17.54 -11.15 28.73
N LYS B 479 17.95 -10.24 29.61
CA LYS B 479 17.08 -9.83 30.70
C LYS B 479 15.89 -9.06 30.17
N ILE B 480 14.70 -9.38 30.68
CA ILE B 480 13.47 -8.74 30.26
C ILE B 480 13.14 -7.64 31.26
N LYS B 481 13.16 -6.39 30.79
CA LYS B 481 12.94 -5.23 31.64
C LYS B 481 11.83 -4.36 31.06
N ASP B 482 10.95 -3.89 31.92
CA ASP B 482 9.92 -2.92 31.54
C ASP B 482 10.40 -1.53 31.88
N LEU B 483 10.24 -0.60 30.96
CA LEU B 483 10.77 0.75 31.13
C LEU B 483 9.72 1.81 30.86
N GLY B 484 8.76 1.50 30.02
CA GLY B 484 7.73 2.46 29.65
C GLY B 484 8.18 3.36 28.50
N ALA B 485 8.18 4.66 28.74
CA ALA B 485 8.51 5.65 27.72
C ALA B 485 9.97 6.04 27.71
N SER B 486 10.80 5.42 28.55
CA SER B 486 12.21 5.81 28.63
C SER B 486 12.92 5.58 27.30
N LYS B 487 13.70 6.57 26.88
CA LYS B 487 14.48 6.43 25.66
C LYS B 487 15.70 5.54 25.87
N ILE B 488 16.34 5.66 27.03
CA ILE B 488 17.61 4.99 27.28
C ILE B 488 17.33 3.61 27.85
N TYR B 489 17.91 2.59 27.23
CA TYR B 489 17.83 1.22 27.72
C TYR B 489 19.17 0.87 28.34
N GLU B 490 19.17 0.68 29.66
CA GLU B 490 20.38 0.34 30.40
C GLU B 490 20.11 -0.95 31.18
N CYS B 491 20.59 -2.07 30.66
CA CYS B 491 20.40 -3.34 31.35
C CYS B 491 21.17 -3.33 32.67
N GLU B 492 20.52 -3.81 33.72
CA GLU B 492 21.15 -3.87 35.04
C GLU B 492 22.06 -5.08 35.20
N SER B 493 21.93 -6.07 34.33
CA SER B 493 22.72 -7.30 34.46
C SER B 493 24.04 -7.21 33.70
N CYS B 494 23.96 -7.04 32.38
CA CYS B 494 25.16 -6.94 31.55
C CYS B 494 25.70 -5.52 31.45
N GLY B 495 24.92 -4.53 31.86
CA GLY B 495 25.38 -3.16 31.87
C GLY B 495 25.35 -2.44 30.54
N MET B 496 24.77 -3.04 29.50
CA MET B 496 24.71 -2.37 28.21
C MET B 496 23.99 -1.04 28.36
N TYR B 497 24.56 0.00 27.79
CA TYR B 497 23.97 1.33 27.77
C TYR B 497 23.62 1.63 26.32
N ALA B 498 22.44 1.21 25.90
CA ALA B 498 22.02 1.30 24.51
C ALA B 498 20.70 2.04 24.41
N ASP B 499 20.53 2.78 23.31
CA ASP B 499 19.25 3.42 23.05
C ASP B 499 18.16 2.36 22.93
N ARG B 500 16.98 2.67 23.46
CA ARG B 500 15.90 1.68 23.48
C ARG B 500 15.46 1.31 22.07
N ASP B 501 15.27 2.31 21.22
CA ASP B 501 14.82 2.03 19.85
C ASP B 501 15.84 1.18 19.11
N GLU B 502 17.12 1.51 19.26
CA GLU B 502 18.17 0.76 18.59
C GLU B 502 18.22 -0.68 19.11
N ASN B 503 18.06 -0.85 20.43
CA ASN B 503 18.04 -2.20 20.98
C ASN B 503 16.85 -2.98 20.44
N ALA B 504 15.69 -2.33 20.32
CA ALA B 504 14.53 -3.00 19.75
C ALA B 504 14.78 -3.40 18.31
N ALA B 505 15.42 -2.52 17.53
CA ALA B 505 15.73 -2.84 16.15
C ALA B 505 16.69 -4.02 16.05
N LYS B 506 17.70 -4.04 16.93
CA LYS B 506 18.62 -5.17 16.94
C LYS B 506 17.90 -6.46 17.31
N ASN B 507 16.97 -6.39 18.27
CA ASN B 507 16.19 -7.56 18.62
C ASN B 507 15.34 -8.02 17.44
N ILE B 508 14.75 -7.07 16.71
CA ILE B 508 13.96 -7.40 15.54
C ILE B 508 14.83 -8.11 14.51
N LEU B 509 16.03 -7.59 14.27
CA LEU B 509 16.96 -8.24 13.36
C LEU B 509 17.26 -9.66 13.81
N LYS B 510 17.55 -9.83 15.10
CA LYS B 510 17.92 -11.15 15.60
C LYS B 510 16.78 -12.14 15.41
N VAL B 511 15.55 -11.74 15.73
CA VAL B 511 14.44 -12.66 15.53
C VAL B 511 14.19 -12.89 14.05
N GLY B 512 14.40 -11.87 13.21
CA GLY B 512 14.19 -12.06 11.78
C GLY B 512 15.15 -13.06 11.18
N LEU B 513 16.39 -13.07 11.65
CA LEU B 513 17.34 -14.07 11.17
C LEU B 513 17.03 -15.47 11.68
N LYS B 514 16.15 -15.61 12.66
CA LYS B 514 15.74 -16.92 13.14
C LYS B 514 14.42 -16.81 13.90
N PRO B 515 13.32 -16.51 13.21
CA PRO B 515 12.04 -16.32 13.92
C PRO B 515 11.55 -17.62 14.52
N TRP B 516 10.75 -17.49 15.58
CA TRP B 516 10.14 -18.64 16.24
C TRP B 516 8.76 -18.98 15.69
N TYR B 517 8.29 -18.24 14.68
CA TYR B 517 6.96 -18.53 14.12
C TYR B 517 6.94 -19.88 13.43
N LYS B 518 7.96 -20.18 12.63
CA LYS B 518 7.98 -21.39 11.83
C LYS B 518 6.78 -21.44 10.89
#